data_1QHI
#
_entry.id   1QHI
#
_cell.length_a   113.400
_cell.length_b   118.000
_cell.length_c   109.000
_cell.angle_alpha   90.00
_cell.angle_beta   90.00
_cell.angle_gamma   90.00
#
_symmetry.space_group_name_H-M   'C 2 2 21'
#
loop_
_entity.id
_entity.type
_entity.pdbx_description
1 polymer 'PROTEIN (THYMIDINE KINASE)'
2 non-polymer 'SULFATE ION'
3 non-polymer 9-(4-HYDROXYBUTYL)-N2-PHENYLGUANINE
4 water water
#
_entity_poly.entity_id   1
_entity_poly.type   'polypeptide(L)'
_entity_poly.pdbx_seq_one_letter_code
;SAFDQAARSRGHNNRRTALRPRRQQEATEVRPEQKMPTLLRVYIDGPHGMGKTTTTQLLVALGSRDDIVYVPEPMTYWRV
LGASETIANIYTTQHRLDQGEISAGDAAVVMTSAQITMGMPYAVTDAVLAPHIGGEAGSSHAPPPALTLIFDRHPIAALL
CYPAARYLMGSMTPQAVLAFVALIPPTLPGTNIVLGALPEDRHIDRLAKRQRPGERLDLAMLAAIRRVYGLLANTVRYLQ
CGGSWREDWGQLSGTAVPPQGAEPQSNAGPRPHIGDTLFTLFRAPELLAPNGDLYNVFAWALDVLAKRLRSMHVFILDYD
QSPAGCRDALLQLTSGMVQTHVTTPGSIPTICDLARTFAREMGEAN
;
_entity_poly.pdbx_strand_id   A,B
#
loop_
_chem_comp.id
_chem_comp.type
_chem_comp.name
_chem_comp.formula
BPG non-polymer 9-(4-HYDROXYBUTYL)-N2-PHENYLGUANINE 'C15 H17 N5 O2'
SO4 non-polymer 'SULFATE ION' 'O4 S -2'
#
# COMPACT_ATOMS: atom_id res chain seq x y z
N MET A 36 -9.34 -20.25 22.53
CA MET A 36 -8.34 -20.17 21.41
C MET A 36 -6.95 -19.90 22.01
N PRO A 37 -5.90 -20.63 21.55
CA PRO A 37 -4.54 -20.46 22.06
C PRO A 37 -4.05 -19.04 21.88
N THR A 38 -3.04 -18.66 22.66
CA THR A 38 -2.52 -17.30 22.58
C THR A 38 -1.20 -17.21 21.85
N LEU A 39 -1.00 -16.09 21.17
CA LEU A 39 0.20 -15.84 20.41
C LEU A 39 0.86 -14.59 20.93
N LEU A 40 2.16 -14.48 20.68
CA LEU A 40 2.93 -13.31 21.06
C LEU A 40 3.80 -12.90 19.88
N ARG A 41 3.51 -11.74 19.29
CA ARG A 41 4.28 -11.23 18.16
C ARG A 41 5.25 -10.16 18.66
N VAL A 42 6.48 -10.21 18.19
CA VAL A 42 7.48 -9.23 18.59
C VAL A 42 8.21 -8.84 17.32
N TYR A 43 8.18 -7.56 16.98
CA TYR A 43 8.85 -7.04 15.81
C TYR A 43 10.09 -6.26 16.30
N ILE A 44 11.27 -6.78 16.00
CA ILE A 44 12.51 -6.13 16.40
C ILE A 44 12.81 -5.12 15.32
N ASP A 45 12.77 -3.83 15.67
CA ASP A 45 12.96 -2.78 14.69
C ASP A 45 14.02 -1.76 15.13
N GLY A 46 14.15 -0.67 14.38
CA GLY A 46 15.13 0.36 14.69
C GLY A 46 16.09 0.54 13.54
N PRO A 47 17.05 1.44 13.64
CA PRO A 47 18.00 1.65 12.56
C PRO A 47 18.81 0.35 12.40
N HIS A 48 19.20 0.03 11.18
CA HIS A 48 20.00 -1.16 10.99
C HIS A 48 21.41 -0.91 11.50
N GLY A 49 22.11 -2.00 11.81
CA GLY A 49 23.49 -1.92 12.27
C GLY A 49 23.75 -1.77 13.76
N MET A 50 22.73 -2.00 14.58
CA MET A 50 22.87 -1.91 16.03
C MET A 50 23.12 -3.27 16.69
N GLY A 51 23.02 -4.34 15.90
CA GLY A 51 23.22 -5.69 16.44
C GLY A 51 21.96 -6.51 16.61
N LYS A 52 20.84 -6.07 16.03
CA LYS A 52 19.55 -6.77 16.17
C LYS A 52 19.56 -8.26 15.84
N THR A 53 20.11 -8.62 14.69
CA THR A 53 20.17 -10.02 14.31
C THR A 53 21.25 -10.76 15.12
N THR A 54 22.35 -10.07 15.44
CA THR A 54 23.39 -10.66 16.28
C THR A 54 22.70 -11.11 17.57
N THR A 55 21.81 -10.28 18.10
CA THR A 55 21.09 -10.60 19.34
C THR A 55 19.96 -11.61 19.13
N THR A 56 19.16 -11.42 18.08
CA THR A 56 18.04 -12.33 17.80
C THR A 56 18.46 -13.76 17.51
N GLN A 57 19.62 -13.94 16.87
CA GLN A 57 20.12 -15.28 16.54
C GLN A 57 20.71 -16.01 17.75
N LEU A 58 20.88 -15.27 18.84
CA LEU A 58 21.41 -15.83 20.07
C LEU A 58 20.21 -16.19 20.96
N LEU A 59 19.02 -15.84 20.49
CA LEU A 59 17.77 -16.09 21.21
C LEU A 59 17.39 -17.58 21.15
N VAL A 60 17.80 -18.26 20.17
N ASP A 67 8.12 -23.51 20.30
CA ASP A 67 7.10 -22.47 20.63
C ASP A 67 7.59 -21.02 20.41
N ILE A 68 8.54 -20.87 19.49
CA ILE A 68 9.10 -19.57 19.15
C ILE A 68 9.84 -19.69 17.81
N VAL A 69 9.42 -18.88 16.84
CA VAL A 69 10.01 -18.89 15.51
C VAL A 69 10.57 -17.50 15.30
N TYR A 70 11.59 -17.42 14.45
CA TYR A 70 12.22 -16.16 14.11
C TYR A 70 12.06 -16.03 12.61
N VAL A 71 11.53 -14.89 12.17
CA VAL A 71 11.36 -14.62 10.76
C VAL A 71 12.42 -13.58 10.40
N PRO A 72 13.47 -13.99 9.66
CA PRO A 72 14.59 -13.13 9.24
C PRO A 72 14.19 -12.09 8.21
N GLU A 73 15.09 -11.15 7.90
CA GLU A 73 14.79 -10.12 6.90
C GLU A 73 14.89 -10.82 5.53
N PRO A 74 14.05 -10.41 4.57
CA PRO A 74 14.03 -11.01 3.21
C PRO A 74 15.19 -10.72 2.27
N MET A 75 16.40 -11.03 2.70
CA MET A 75 17.55 -10.74 1.87
C MET A 75 17.50 -11.32 0.44
N THR A 76 17.05 -12.56 0.27
CA THR A 76 16.99 -13.15 -1.08
C THR A 76 16.00 -12.44 -2.01
N TYR A 77 14.95 -11.88 -1.43
CA TYR A 77 13.97 -11.12 -2.21
C TYR A 77 14.62 -9.83 -2.72
N TRP A 78 15.34 -9.16 -1.84
CA TRP A 78 16.01 -7.91 -2.16
C TRP A 78 17.14 -8.12 -3.15
N ARG A 79 17.85 -9.23 -3.03
CA ARG A 79 18.98 -9.51 -3.92
C ARG A 79 18.62 -10.17 -5.22
N VAL A 80 17.64 -11.06 -5.17
CA VAL A 80 17.27 -11.82 -6.35
C VAL A 80 15.81 -11.94 -6.77
N LEU A 81 14.93 -12.32 -5.86
CA LEU A 81 13.51 -12.55 -6.20
C LEU A 81 12.69 -11.36 -6.74
N GLY A 82 12.73 -10.22 -6.01
CA GLY A 82 11.99 -9.03 -6.40
C GLY A 82 12.67 -8.20 -7.47
N ALA A 83 13.99 -8.13 -7.40
CA ALA A 83 14.77 -7.38 -8.36
C ALA A 83 16.20 -7.77 -8.04
N SER A 84 17.14 -7.38 -8.90
CA SER A 84 18.56 -7.69 -8.70
C SER A 84 19.27 -6.66 -7.81
N GLU A 85 19.85 -7.12 -6.71
CA GLU A 85 20.58 -6.26 -5.76
C GLU A 85 19.90 -4.93 -5.46
N THR A 86 18.82 -4.98 -4.69
CA THR A 86 18.08 -3.77 -4.34
C THR A 86 18.87 -2.79 -3.40
N ILE A 87 19.62 -3.32 -2.45
CA ILE A 87 20.41 -2.47 -1.54
C ILE A 87 21.52 -1.74 -2.29
N ALA A 88 22.14 -2.42 -3.26
CA ALA A 88 23.21 -1.82 -4.07
C ALA A 88 22.65 -0.66 -4.89
N ASN A 89 21.48 -0.89 -5.48
CA ASN A 89 20.78 0.09 -6.29
C ASN A 89 20.45 1.33 -5.44
N ILE A 90 19.96 1.10 -4.23
CA ILE A 90 19.61 2.19 -3.32
C ILE A 90 20.85 3.05 -2.99
N TYR A 91 21.93 2.39 -2.53
CA TYR A 91 23.16 3.10 -2.18
C TYR A 91 23.87 3.77 -3.37
N THR A 92 23.84 3.12 -4.52
CA THR A 92 24.45 3.68 -5.73
C THR A 92 23.73 4.96 -6.18
N THR A 93 22.40 4.92 -6.20
CA THR A 93 21.61 6.07 -6.61
C THR A 93 21.82 7.29 -5.70
N GLN A 94 21.87 7.08 -4.38
CA GLN A 94 22.10 8.19 -3.47
C GLN A 94 23.49 8.74 -3.77
N HIS A 95 24.46 7.83 -3.88
CA HIS A 95 25.82 8.24 -4.17
C HIS A 95 25.88 9.13 -5.40
N ARG A 96 25.24 8.71 -6.47
CA ARG A 96 25.22 9.47 -7.71
C ARG A 96 24.61 10.85 -7.51
N LEU A 97 23.51 10.91 -6.76
CA LEU A 97 22.86 12.17 -6.46
C LEU A 97 23.80 13.03 -5.62
N ASP A 98 24.43 12.44 -4.61
CA ASP A 98 25.37 13.16 -3.75
C ASP A 98 26.46 13.79 -4.62
N GLN A 99 26.93 13.02 -5.58
CA GLN A 99 27.98 13.44 -6.51
C GLN A 99 27.51 14.38 -7.62
N GLY A 100 26.21 14.61 -7.73
CA GLY A 100 25.68 15.50 -8.76
C GLY A 100 25.63 14.91 -10.14
N GLU A 101 25.89 13.60 -10.22
CA GLU A 101 25.87 12.89 -11.48
C GLU A 101 24.41 12.78 -11.97
N ILE A 102 23.47 12.88 -11.03
CA ILE A 102 22.06 12.80 -11.39
C ILE A 102 21.31 13.81 -10.55
N SER A 103 20.09 14.12 -10.98
CA SER A 103 19.23 15.07 -10.30
C SER A 103 18.36 14.46 -9.24
N ALA A 104 17.74 15.33 -8.47
CA ALA A 104 16.86 14.94 -7.39
C ALA A 104 15.66 14.16 -7.92
N GLY A 105 15.25 14.46 -9.14
CA GLY A 105 14.11 13.80 -9.76
C GLY A 105 14.42 12.42 -10.29
N ASP A 106 15.62 12.24 -10.86
CA ASP A 106 16.04 10.94 -11.39
C ASP A 106 16.23 10.06 -10.19
N ALA A 107 16.85 10.61 -9.16
CA ALA A 107 17.12 9.88 -7.92
C ALA A 107 15.85 9.42 -7.22
N ALA A 108 14.85 10.29 -7.18
CA ALA A 108 13.57 10.01 -6.53
C ALA A 108 12.78 8.88 -7.20
N VAL A 109 12.79 8.84 -8.52
CA VAL A 109 12.08 7.82 -9.26
C VAL A 109 12.69 6.44 -8.99
N VAL A 110 14.01 6.37 -8.99
CA VAL A 110 14.71 5.11 -8.73
C VAL A 110 14.55 4.74 -7.25
N MET A 111 14.82 5.68 -6.37
CA MET A 111 14.72 5.45 -4.94
C MET A 111 13.31 4.99 -4.51
N THR A 112 12.27 5.66 -4.97
CA THR A 112 10.89 5.33 -4.61
C THR A 112 10.51 3.92 -5.06
N SER A 113 10.82 3.62 -6.31
CA SER A 113 10.55 2.33 -6.94
C SER A 113 11.23 1.19 -6.17
N ALA A 114 12.42 1.47 -5.63
CA ALA A 114 13.17 0.48 -4.84
C ALA A 114 12.53 0.18 -3.47
N GLN A 115 11.91 1.17 -2.84
CA GLN A 115 11.24 0.96 -1.54
C GLN A 115 10.12 -0.07 -1.72
N ILE A 116 9.50 -0.08 -2.90
CA ILE A 116 8.42 -1.02 -3.21
C ILE A 116 8.97 -2.48 -3.13
N THR A 117 10.13 -2.71 -3.74
CA THR A 117 10.73 -4.05 -3.70
C THR A 117 11.15 -4.42 -2.27
N MET A 118 11.65 -3.44 -1.52
CA MET A 118 12.10 -3.67 -0.15
C MET A 118 10.98 -4.07 0.81
N GLY A 119 9.83 -3.41 0.69
CA GLY A 119 8.73 -3.70 1.61
C GLY A 119 7.75 -4.81 1.26
N MET A 120 7.80 -5.32 0.04
CA MET A 120 6.87 -6.37 -0.41
C MET A 120 6.67 -7.57 0.52
N PRO A 121 7.77 -8.24 0.94
CA PRO A 121 7.63 -9.40 1.84
C PRO A 121 6.93 -9.06 3.14
N TYR A 122 7.09 -7.83 3.61
CA TYR A 122 6.45 -7.38 4.85
C TYR A 122 4.96 -7.14 4.64
N ALA A 123 4.59 -6.62 3.49
CA ALA A 123 3.18 -6.37 3.18
C ALA A 123 2.42 -7.69 3.10
N VAL A 124 2.92 -8.62 2.28
CA VAL A 124 2.23 -9.92 2.15
C VAL A 124 2.13 -10.64 3.48
N THR A 125 3.24 -10.64 4.24
CA THR A 125 3.27 -11.29 5.54
C THR A 125 2.17 -10.72 6.45
N ASP A 126 2.07 -9.39 6.56
CA ASP A 126 1.05 -8.82 7.42
C ASP A 126 -0.33 -9.20 6.91
N ALA A 127 -0.50 -9.15 5.58
CA ALA A 127 -1.77 -9.49 4.92
C ALA A 127 -2.26 -10.89 5.25
N VAL A 128 -1.38 -11.87 5.09
CA VAL A 128 -1.70 -13.27 5.32
C VAL A 128 -1.84 -13.61 6.79
N LEU A 129 -1.20 -12.84 7.65
CA LEU A 129 -1.26 -13.09 9.07
C LEU A 129 -2.49 -12.49 9.75
N ALA A 130 -2.81 -11.25 9.37
CA ALA A 130 -3.93 -10.49 9.92
C ALA A 130 -5.19 -11.27 10.32
N PRO A 131 -5.71 -12.16 9.42
CA PRO A 131 -6.90 -12.96 9.71
C PRO A 131 -6.79 -13.86 10.94
N HIS A 132 -5.57 -14.31 11.23
CA HIS A 132 -5.32 -15.19 12.36
C HIS A 132 -5.26 -14.55 13.73
N ILE A 133 -5.00 -13.24 13.78
CA ILE A 133 -4.89 -12.53 15.06
C ILE A 133 -6.24 -12.30 15.68
N GLY A 134 -6.38 -12.68 16.94
CA GLY A 134 -7.63 -12.47 17.64
C GLY A 134 -7.53 -11.30 18.61
N GLY A 135 -8.37 -11.35 19.64
CA GLY A 135 -8.36 -10.30 20.65
C GLY A 135 -7.33 -10.50 21.75
N GLU A 136 -7.00 -9.40 22.40
CA GLU A 136 -6.06 -9.35 23.50
C GLU A 136 -6.35 -10.44 24.51
N ALA A 137 -5.29 -11.10 24.96
CA ALA A 137 -5.38 -12.16 25.95
C ALA A 137 -5.26 -11.53 27.32
N GLY A 138 -4.14 -11.06 27.65
N PRO A 144 0.87 -18.89 29.64
CA PRO A 144 2.07 -18.88 28.74
C PRO A 144 1.58 -18.97 27.30
N PRO A 145 2.18 -18.21 26.37
CA PRO A 145 1.77 -18.22 24.96
C PRO A 145 2.00 -19.57 24.26
N ALA A 146 1.11 -19.92 23.35
CA ALA A 146 1.24 -21.16 22.60
C ALA A 146 2.43 -21.04 21.65
N LEU A 147 2.64 -19.84 21.10
CA LEU A 147 3.72 -19.56 20.17
C LEU A 147 4.18 -18.11 20.30
N THR A 148 5.47 -17.88 20.09
CA THR A 148 6.04 -16.55 20.13
C THR A 148 6.69 -16.28 18.79
N LEU A 149 6.26 -15.22 18.10
CA LEU A 149 6.83 -14.88 16.80
C LEU A 149 7.74 -13.69 16.95
N ILE A 150 8.99 -13.88 16.56
CA ILE A 150 9.99 -12.83 16.62
C ILE A 150 10.23 -12.47 15.16
N PHE A 151 9.75 -11.30 14.76
CA PHE A 151 9.92 -10.83 13.39
C PHE A 151 11.08 -9.88 13.30
N ASP A 152 11.80 -9.94 12.19
CA ASP A 152 12.88 -9.02 11.95
C ASP A 152 12.19 -7.91 11.18
N ARG A 153 11.83 -6.86 11.92
CA ARG A 153 11.16 -5.65 11.42
C ARG A 153 9.64 -5.73 11.18
N HIS A 154 8.98 -4.57 11.33
CA HIS A 154 7.53 -4.41 11.14
C HIS A 154 7.33 -3.62 9.85
N PRO A 155 6.15 -3.74 9.22
CA PRO A 155 5.90 -2.98 7.99
C PRO A 155 6.21 -1.47 8.07
N ILE A 156 6.08 -0.84 9.24
CA ILE A 156 6.39 0.59 9.33
C ILE A 156 7.85 0.94 8.98
N ALA A 157 8.75 -0.03 9.10
CA ALA A 157 10.14 0.22 8.72
C ALA A 157 10.17 0.46 7.20
N ALA A 158 9.37 -0.30 6.45
CA ALA A 158 9.33 -0.21 5.00
C ALA A 158 8.37 0.86 4.44
N LEU A 159 7.27 1.08 5.13
CA LEU A 159 6.28 2.03 4.63
C LEU A 159 6.27 3.40 5.28
N LEU A 160 7.18 3.63 6.23
CA LEU A 160 7.29 4.90 6.95
C LEU A 160 8.71 5.36 7.28
N CYS A 161 9.43 4.61 8.12
CA CYS A 161 10.78 5.01 8.57
C CYS A 161 11.86 5.16 7.50
N TYR A 162 12.08 4.15 6.67
CA TYR A 162 13.09 4.31 5.63
C TYR A 162 12.70 5.34 4.60
N PRO A 163 11.44 5.34 4.13
CA PRO A 163 11.10 6.37 3.13
C PRO A 163 11.33 7.78 3.71
N ALA A 164 10.94 7.99 4.97
CA ALA A 164 11.15 9.29 5.64
C ALA A 164 12.62 9.70 5.68
N ALA A 165 13.50 8.75 6.00
CA ALA A 165 14.93 9.02 6.06
C ALA A 165 15.42 9.38 4.66
N ARG A 166 14.92 8.68 3.63
CA ARG A 166 15.35 9.00 2.27
C ARG A 166 14.88 10.41 1.84
N TYR A 167 13.71 10.84 2.33
CA TYR A 167 13.20 12.17 2.02
C TYR A 167 14.18 13.16 2.67
N LEU A 168 14.58 12.82 3.90
CA LEU A 168 15.49 13.60 4.69
C LEU A 168 16.88 13.60 4.06
N MET A 169 17.08 12.75 3.05
CA MET A 169 18.36 12.64 2.35
C MET A 169 18.26 13.24 0.96
N GLY A 170 17.11 13.85 0.67
CA GLY A 170 16.90 14.47 -0.64
C GLY A 170 16.68 13.57 -1.83
N SER A 171 16.39 12.28 -1.63
CA SER A 171 16.16 11.38 -2.75
C SER A 171 14.75 10.76 -2.81
N MET A 172 13.80 11.41 -2.13
CA MET A 172 12.41 10.97 -2.06
C MET A 172 11.56 12.21 -1.79
N THR A 173 10.43 12.35 -2.48
CA THR A 173 9.54 13.50 -2.29
C THR A 173 8.63 13.22 -1.08
N PRO A 174 8.27 14.27 -0.32
CA PRO A 174 7.39 14.04 0.84
C PRO A 174 6.00 13.50 0.42
N GLN A 175 5.58 13.76 -0.83
CA GLN A 175 4.30 13.23 -1.33
C GLN A 175 4.38 11.70 -1.51
N ALA A 176 5.54 11.21 -1.97
CA ALA A 176 5.75 9.78 -2.15
C ALA A 176 5.76 9.12 -0.77
N VAL A 177 6.34 9.83 0.20
CA VAL A 177 6.40 9.31 1.55
C VAL A 177 5.02 9.16 2.20
N LEU A 178 4.16 10.16 2.01
CA LEU A 178 2.82 10.07 2.59
C LEU A 178 1.91 9.04 1.88
N ALA A 179 2.30 8.65 0.66
CA ALA A 179 1.56 7.61 -0.09
C ALA A 179 1.85 6.26 0.56
N PHE A 180 3.11 6.05 0.99
CA PHE A 180 3.49 4.80 1.68
C PHE A 180 2.80 4.81 3.05
N VAL A 181 2.74 5.97 3.67
CA VAL A 181 2.08 6.07 4.97
C VAL A 181 0.60 5.73 4.86
N ALA A 182 -0.05 6.23 3.81
CA ALA A 182 -1.46 5.98 3.59
C ALA A 182 -1.75 4.49 3.42
N LEU A 183 -0.74 3.72 3.00
CA LEU A 183 -0.88 2.27 2.79
C LEU A 183 -0.48 1.37 3.97
N ILE A 184 -0.12 1.95 5.10
CA ILE A 184 0.27 1.16 6.29
C ILE A 184 -0.97 0.39 6.72
N PRO A 185 -0.88 -0.96 6.77
CA PRO A 185 -2.01 -1.81 7.16
C PRO A 185 -2.49 -1.49 8.57
N PRO A 186 -3.77 -1.77 8.85
CA PRO A 186 -4.34 -1.48 10.18
C PRO A 186 -3.55 -2.15 11.30
N THR A 187 -3.38 -1.43 12.40
CA THR A 187 -2.65 -1.96 13.54
C THR A 187 -3.46 -3.02 14.28
N LEU A 188 -3.02 -4.26 14.16
CA LEU A 188 -3.64 -5.43 14.78
C LEU A 188 -3.39 -5.36 16.26
N PRO A 189 -4.19 -6.07 17.06
CA PRO A 189 -3.99 -6.04 18.50
C PRO A 189 -2.67 -6.77 18.79
N GLY A 190 -2.03 -6.42 19.89
CA GLY A 190 -0.78 -7.06 20.26
C GLY A 190 0.42 -6.77 19.36
N THR A 191 0.49 -5.56 18.81
CA THR A 191 1.61 -5.22 17.95
C THR A 191 2.72 -4.60 18.81
N ASN A 192 3.69 -5.44 19.23
CA ASN A 192 4.82 -5.05 20.09
C ASN A 192 6.05 -4.80 19.22
N ILE A 193 6.59 -3.58 19.27
CA ILE A 193 7.76 -3.15 18.49
C ILE A 193 8.92 -2.85 19.46
N VAL A 194 10.07 -3.47 19.23
CA VAL A 194 11.23 -3.22 20.08
C VAL A 194 12.15 -2.31 19.25
N LEU A 195 12.46 -1.13 19.78
CA LEU A 195 13.31 -0.19 19.08
C LEU A 195 14.68 -0.17 19.78
N GLY A 196 15.74 0.10 19.03
CA GLY A 196 17.09 0.09 19.61
C GLY A 196 17.61 1.36 20.23
N ALA A 197 18.55 1.21 21.17
CA ALA A 197 19.20 2.31 21.87
C ALA A 197 20.71 2.09 21.74
N LEU A 198 21.43 3.09 21.27
CA LEU A 198 22.87 2.97 21.07
C LEU A 198 23.50 4.31 20.66
N PRO A 199 24.51 4.80 21.41
CA PRO A 199 25.19 6.07 21.12
C PRO A 199 25.73 6.05 19.69
N GLU A 200 25.62 7.16 18.98
CA GLU A 200 26.05 7.21 17.59
C GLU A 200 27.39 6.61 17.19
N ASP A 201 28.47 6.96 17.89
CA ASP A 201 29.75 6.39 17.48
C ASP A 201 29.89 4.89 17.68
N ARG A 202 29.25 4.32 18.70
CA ARG A 202 29.32 2.87 18.89
C ARG A 202 28.47 2.27 17.74
N HIS A 203 27.42 2.99 17.35
CA HIS A 203 26.58 2.53 16.26
C HIS A 203 27.39 2.54 14.94
N ILE A 204 28.18 3.59 14.73
CA ILE A 204 29.04 3.68 13.53
C ILE A 204 30.02 2.49 13.54
N ASP A 205 30.59 2.18 14.72
CA ASP A 205 31.51 1.05 14.86
C ASP A 205 30.77 -0.22 14.43
N ARG A 206 29.62 -0.45 15.05
CA ARG A 206 28.77 -1.60 14.74
C ARG A 206 28.36 -1.66 13.27
N LEU A 207 27.99 -0.53 12.68
CA LEU A 207 27.58 -0.49 11.27
C LEU A 207 28.74 -0.95 10.39
N ALA A 208 29.92 -0.40 10.64
CA ALA A 208 31.10 -0.76 9.88
C ALA A 208 31.36 -2.27 9.89
N LYS A 209 31.06 -2.92 11.02
CA LYS A 209 31.25 -4.37 11.19
C LYS A 209 30.28 -5.20 10.36
N ARG A 210 29.14 -4.62 9.96
CA ARG A 210 28.20 -5.39 9.17
C ARG A 210 27.43 -4.72 8.07
N GLN A 211 28.17 -4.48 7.00
CA GLN A 211 27.65 -3.91 5.79
C GLN A 211 26.94 -5.05 5.05
N ARG A 212 25.85 -4.72 4.36
CA ARG A 212 25.07 -5.68 3.61
C ARG A 212 25.64 -5.59 2.20
N PRO A 213 25.32 -6.56 1.33
CA PRO A 213 25.83 -6.54 -0.05
C PRO A 213 25.41 -5.29 -0.81
N GLY A 214 26.39 -4.53 -1.29
CA GLY A 214 26.07 -3.33 -2.04
C GLY A 214 25.94 -2.06 -1.20
N GLU A 215 25.87 -2.21 0.11
CA GLU A 215 25.76 -1.05 1.00
C GLU A 215 27.05 -0.20 1.02
N ARG A 216 26.90 1.12 1.14
CA ARG A 216 28.05 2.03 1.25
C ARG A 216 27.89 2.72 2.61
N LEU A 217 28.95 2.74 3.41
CA LEU A 217 28.87 3.35 4.74
C LEU A 217 28.55 4.84 4.63
N ASP A 218 27.28 5.19 4.77
CA ASP A 218 26.80 6.57 4.65
C ASP A 218 26.48 7.10 6.05
N LEU A 219 27.28 8.04 6.56
CA LEU A 219 27.05 8.59 7.90
C LEU A 219 25.85 9.57 7.94
N ALA A 220 25.56 10.20 6.80
CA ALA A 220 24.43 11.11 6.67
C ALA A 220 23.13 10.29 6.72
N MET A 221 23.12 9.13 6.06
CA MET A 221 21.96 8.23 6.09
C MET A 221 21.82 7.64 7.50
N LEU A 222 22.94 7.36 8.17
CA LEU A 222 22.88 6.82 9.54
C LEU A 222 22.24 7.83 10.51
N ALA A 223 22.55 9.12 10.32
CA ALA A 223 21.98 10.16 11.16
C ALA A 223 20.51 10.35 10.80
N ALA A 224 20.18 10.39 9.52
CA ALA A 224 18.80 10.55 9.04
C ALA A 224 17.91 9.48 9.64
N ILE A 225 18.36 8.24 9.50
CA ILE A 225 17.59 7.10 9.99
C ILE A 225 17.48 7.04 11.50
N ARG A 226 18.55 7.40 12.19
CA ARG A 226 18.55 7.44 13.65
C ARG A 226 17.51 8.51 14.06
N ARG A 227 17.53 9.64 13.36
CA ARG A 227 16.60 10.76 13.63
C ARG A 227 15.16 10.28 13.53
N VAL A 228 14.85 9.61 12.43
CA VAL A 228 13.51 9.09 12.20
C VAL A 228 13.00 8.14 13.29
N TYR A 229 13.85 7.24 13.77
CA TYR A 229 13.41 6.32 14.80
C TYR A 229 13.28 6.98 16.15
N GLY A 230 14.08 8.02 16.37
CA GLY A 230 13.98 8.74 17.63
C GLY A 230 12.65 9.46 17.64
N LEU A 231 12.33 10.11 16.53
CA LEU A 231 11.07 10.86 16.36
C LEU A 231 9.92 9.87 16.48
N LEU A 232 10.06 8.72 15.85
CA LEU A 232 9.01 7.70 15.91
C LEU A 232 8.63 7.36 17.37
N ALA A 233 9.63 7.12 18.21
CA ALA A 233 9.38 6.79 19.61
C ALA A 233 8.67 7.91 20.34
N ASN A 234 9.06 9.14 20.02
CA ASN A 234 8.45 10.30 20.66
C ASN A 234 7.04 10.42 20.17
N THR A 235 6.80 10.14 18.89
CA THR A 235 5.47 10.20 18.30
C THR A 235 4.45 9.28 19.00
N VAL A 236 4.84 8.03 19.27
CA VAL A 236 3.96 7.10 19.96
C VAL A 236 3.61 7.63 21.36
N ARG A 237 4.60 8.09 22.13
CA ARG A 237 4.33 8.64 23.48
C ARG A 237 3.41 9.85 23.40
N TYR A 238 3.61 10.67 22.38
CA TYR A 238 2.79 11.86 22.14
C TYR A 238 1.32 11.47 21.91
N LEU A 239 1.09 10.53 21.01
CA LEU A 239 -0.26 10.07 20.72
C LEU A 239 -0.90 9.40 21.91
N GLN A 240 -0.13 8.58 22.62
CA GLN A 240 -0.63 7.87 23.80
C GLN A 240 -1.05 8.76 24.99
N CYS A 241 -0.40 9.89 25.15
CA CYS A 241 -0.71 10.86 26.22
C CYS A 241 -1.84 11.81 25.82
N GLY A 242 -2.47 11.56 24.67
CA GLY A 242 -3.56 12.39 24.20
C GLY A 242 -3.26 13.49 23.19
N GLY A 243 -2.08 13.49 22.60
CA GLY A 243 -1.74 14.52 21.64
C GLY A 243 -2.52 14.56 20.35
N SER A 244 -2.90 15.78 19.93
CA SER A 244 -3.64 16.00 18.70
C SER A 244 -2.79 16.87 17.78
N TRP A 245 -2.26 16.29 16.70
CA TRP A 245 -1.42 17.03 15.77
C TRP A 245 -2.09 18.27 15.17
N ARG A 246 -3.34 18.11 14.76
CA ARG A 246 -4.10 19.21 14.19
C ARG A 246 -4.16 20.34 15.17
N GLU A 247 -4.27 20.00 16.45
CA GLU A 247 -4.34 21.01 17.48
C GLU A 247 -3.00 21.69 17.77
N ASP A 248 -1.93 20.90 17.76
CA ASP A 248 -0.59 21.40 18.06
C ASP A 248 0.22 21.87 16.86
N TRP A 249 -0.35 21.78 15.66
CA TRP A 249 0.31 22.17 14.42
C TRP A 249 0.90 23.59 14.36
N GLY A 250 0.15 24.56 14.89
CA GLY A 250 0.62 25.94 14.89
C GLY A 250 1.96 26.09 15.58
N GLN A 251 2.22 25.27 16.59
CA GLN A 251 3.48 25.32 17.35
C GLN A 251 4.72 25.15 16.48
N LEU A 252 4.56 24.51 15.32
CA LEU A 252 5.67 24.28 14.40
C LEU A 252 6.01 25.57 13.69
N SER A 253 5.07 26.51 13.71
CA SER A 253 5.26 27.81 13.07
C SER A 253 5.49 28.92 14.09
N GLY A 254 5.14 28.74 15.29
N PRO A 270 1.46 16.14 29.74
CA PRO A 270 2.90 15.79 29.78
C PRO A 270 3.23 14.86 28.59
N ARG A 271 3.79 15.42 27.53
CA ARG A 271 4.08 14.64 26.34
C ARG A 271 5.14 15.41 25.59
N PRO A 272 5.79 14.76 24.60
CA PRO A 272 6.82 15.46 23.84
C PRO A 272 6.20 16.62 23.09
N HIS A 273 7.04 17.53 22.64
CA HIS A 273 6.57 18.67 21.88
C HIS A 273 6.40 18.15 20.44
N ILE A 274 5.33 18.57 19.75
CA ILE A 274 5.08 18.13 18.37
C ILE A 274 6.31 18.36 17.48
N GLY A 275 7.22 19.25 17.89
CA GLY A 275 8.42 19.51 17.13
C GLY A 275 9.40 18.37 17.26
N ASP A 276 9.15 17.49 18.22
CA ASP A 276 9.97 16.33 18.46
C ASP A 276 9.24 15.03 18.09
N THR A 277 8.25 15.14 17.20
CA THR A 277 7.47 13.99 16.74
C THR A 277 7.63 13.93 15.23
N LEU A 278 7.15 12.85 14.59
CA LEU A 278 7.26 12.73 13.13
C LEU A 278 6.49 13.79 12.38
N PHE A 279 5.49 14.39 13.04
CA PHE A 279 4.70 15.43 12.40
C PHE A 279 5.54 16.61 11.89
N THR A 280 6.64 16.92 12.57
CA THR A 280 7.51 18.02 12.16
C THR A 280 8.11 17.85 10.74
N LEU A 281 8.33 16.61 10.29
CA LEU A 281 8.89 16.37 8.97
C LEU A 281 7.95 16.75 7.83
N PHE A 282 6.64 16.75 8.11
CA PHE A 282 5.63 17.05 7.10
C PHE A 282 5.22 18.52 6.95
N ARG A 283 5.94 19.38 7.65
CA ARG A 283 5.75 20.80 7.55
C ARG A 283 6.72 21.12 6.38
N ALA A 284 6.60 20.35 5.29
CA ALA A 284 7.44 20.49 4.09
C ALA A 284 6.67 21.33 3.07
N PRO A 285 7.32 22.35 2.46
CA PRO A 285 6.74 23.27 1.48
C PRO A 285 5.95 22.66 0.31
N GLU A 286 6.34 21.47 -0.13
CA GLU A 286 5.63 20.82 -1.22
C GLU A 286 4.20 20.38 -0.81
N LEU A 287 4.00 20.20 0.49
CA LEU A 287 2.72 19.74 1.02
C LEU A 287 1.78 20.86 1.41
N LEU A 288 2.20 22.11 1.23
CA LEU A 288 1.43 23.26 1.65
C LEU A 288 0.88 24.16 0.57
N ALA A 289 -0.31 24.69 0.81
CA ALA A 289 -0.95 25.59 -0.14
C ALA A 289 -0.31 26.98 0.05
N PRO A 290 -0.46 27.87 -0.94
CA PRO A 290 0.08 29.24 -0.95
C PRO A 290 -0.06 30.01 0.38
N ASN A 291 -1.11 29.72 1.13
CA ASN A 291 -1.34 30.37 2.42
C ASN A 291 -0.71 29.62 3.56
N GLY A 292 0.05 28.58 3.25
CA GLY A 292 0.71 27.82 4.29
C GLY A 292 -0.12 26.66 4.82
N ASP A 293 -1.36 26.54 4.40
CA ASP A 293 -2.20 25.46 4.87
C ASP A 293 -1.74 24.15 4.25
N LEU A 294 -1.82 23.07 5.02
CA LEU A 294 -1.50 21.73 4.52
C LEU A 294 -2.68 21.37 3.64
N TYR A 295 -2.45 20.77 2.48
CA TYR A 295 -3.58 20.36 1.67
C TYR A 295 -4.29 19.23 2.44
N ASN A 296 -5.62 19.16 2.33
CA ASN A 296 -6.37 18.11 3.03
C ASN A 296 -5.89 16.69 2.75
N VAL A 297 -5.49 16.39 1.51
CA VAL A 297 -5.02 15.03 1.16
C VAL A 297 -3.88 14.61 2.08
N PHE A 298 -2.99 15.55 2.38
CA PHE A 298 -1.84 15.26 3.21
C PHE A 298 -2.20 15.22 4.67
N ALA A 299 -3.17 16.04 5.05
CA ALA A 299 -3.66 16.08 6.43
C ALA A 299 -4.32 14.75 6.75
N TRP A 300 -5.05 14.20 5.78
CA TRP A 300 -5.73 12.92 5.96
C TRP A 300 -4.70 11.80 6.12
N ALA A 301 -3.58 11.91 5.41
CA ALA A 301 -2.50 10.93 5.52
C ALA A 301 -1.84 11.02 6.91
N LEU A 302 -1.83 12.22 7.51
CA LEU A 302 -1.28 12.39 8.84
C LEU A 302 -2.25 11.84 9.89
N ASP A 303 -3.55 11.92 9.59
CA ASP A 303 -4.57 11.34 10.48
C ASP A 303 -4.41 9.78 10.53
N VAL A 304 -4.10 9.18 9.38
CA VAL A 304 -3.89 7.75 9.29
C VAL A 304 -2.67 7.40 10.15
N LEU A 305 -1.54 8.07 9.92
CA LEU A 305 -0.32 7.84 10.71
C LEU A 305 -0.60 7.90 12.20
N ALA A 306 -1.31 8.94 12.63
CA ALA A 306 -1.63 9.06 14.05
C ALA A 306 -2.42 7.85 14.54
N LYS A 307 -3.34 7.39 13.69
CA LYS A 307 -4.19 6.25 14.01
C LYS A 307 -3.42 4.94 14.13
N ARG A 308 -2.52 4.68 13.18
CA ARG A 308 -1.73 3.44 13.17
C ARG A 308 -0.70 3.33 14.31
N LEU A 309 -0.07 4.45 14.67
CA LEU A 309 0.96 4.46 15.69
C LEU A 309 0.53 4.49 17.15
N ARG A 310 -0.62 5.08 17.43
CA ARG A 310 -1.09 5.20 18.81
C ARG A 310 -1.35 3.89 19.51
N SER A 311 -1.74 2.87 18.78
CA SER A 311 -2.05 1.59 19.41
C SER A 311 -0.91 0.59 19.33
N MET A 312 0.30 1.07 19.11
CA MET A 312 1.43 0.18 19.07
C MET A 312 2.02 0.19 20.45
N HIS A 313 2.66 -0.90 20.81
CA HIS A 313 3.29 -1.01 22.11
C HIS A 313 4.78 -0.99 21.86
N VAL A 314 5.45 0.09 22.29
CA VAL A 314 6.87 0.24 22.06
C VAL A 314 7.76 -0.14 23.25
N PHE A 315 8.85 -0.85 22.95
CA PHE A 315 9.79 -1.29 23.97
C PHE A 315 11.19 -0.99 23.51
N ILE A 316 11.98 -0.41 24.40
CA ILE A 316 13.37 -0.03 24.12
C ILE A 316 14.40 -1.06 24.61
N LEU A 317 15.32 -1.43 23.71
CA LEU A 317 16.41 -2.37 23.99
C LEU A 317 17.77 -1.67 23.87
N ASP A 318 18.50 -1.57 24.99
CA ASP A 318 19.82 -0.95 24.98
C ASP A 318 20.77 -1.90 24.27
N TYR A 319 21.31 -1.47 23.14
CA TYR A 319 22.25 -2.31 22.40
C TYR A 319 23.69 -2.08 22.84
N ASP A 320 23.90 -1.01 23.60
CA ASP A 320 25.22 -0.64 24.09
C ASP A 320 25.73 -1.56 25.20
N GLN A 321 25.74 -2.86 24.90
CA GLN A 321 26.19 -3.90 25.82
C GLN A 321 26.56 -5.13 24.98
N SER A 322 26.81 -6.26 25.64
CA SER A 322 27.20 -7.50 24.95
C SER A 322 26.00 -8.30 24.42
N PRO A 323 26.22 -9.09 23.35
CA PRO A 323 25.23 -9.95 22.69
C PRO A 323 24.52 -10.87 23.67
N ALA A 324 25.25 -11.30 24.69
CA ALA A 324 24.67 -12.15 25.70
C ALA A 324 23.66 -11.27 26.43
N GLY A 325 24.12 -10.08 26.84
CA GLY A 325 23.30 -9.12 27.55
C GLY A 325 22.13 -8.59 26.72
N CYS A 326 22.42 -8.16 25.49
CA CYS A 326 21.38 -7.64 24.56
C CYS A 326 20.31 -8.71 24.44
N ARG A 327 20.77 -9.94 24.27
CA ARG A 327 19.87 -11.08 24.14
C ARG A 327 19.13 -11.28 25.46
N ASP A 328 19.83 -11.12 26.57
CA ASP A 328 19.18 -11.25 27.89
C ASP A 328 18.14 -10.14 28.03
N ALA A 329 18.52 -8.94 27.59
CA ALA A 329 17.66 -7.77 27.59
C ALA A 329 16.35 -7.99 26.85
N LEU A 330 16.46 -8.54 25.64
CA LEU A 330 15.27 -8.80 24.82
C LEU A 330 14.28 -9.72 25.52
N LEU A 331 14.78 -10.72 26.23
CA LEU A 331 13.91 -11.67 26.93
C LEU A 331 13.19 -11.05 28.14
N GLN A 332 13.81 -10.04 28.75
CA GLN A 332 13.20 -9.37 29.90
C GLN A 332 12.00 -8.51 29.47
N LEU A 333 12.15 -7.77 28.37
CA LEU A 333 11.09 -6.90 27.85
C LEU A 333 9.82 -7.67 27.55
N THR A 334 9.97 -8.97 27.29
CA THR A 334 8.85 -9.83 26.94
C THR A 334 7.71 -9.87 27.94
N SER A 335 8.03 -9.60 29.21
CA SER A 335 7.05 -9.64 30.30
C SER A 335 5.90 -8.62 30.18
N GLY A 336 6.19 -7.46 29.59
CA GLY A 336 5.14 -6.45 29.44
C GLY A 336 4.52 -6.39 28.05
N MET A 337 4.82 -7.38 27.21
CA MET A 337 4.29 -7.41 25.85
C MET A 337 2.89 -7.95 25.90
N VAL A 338 2.04 -7.45 25.02
CA VAL A 338 0.65 -7.87 24.99
C VAL A 338 0.43 -9.07 24.06
N GLN A 339 -0.32 -10.06 24.55
CA GLN A 339 -0.66 -11.28 23.84
C GLN A 339 -2.06 -11.25 23.26
N THR A 340 -2.32 -12.11 22.30
CA THR A 340 -3.63 -12.19 21.69
C THR A 340 -4.00 -13.64 21.44
N HIS A 341 -5.28 -13.86 21.23
CA HIS A 341 -5.75 -15.19 20.93
C HIS A 341 -5.69 -15.29 19.43
N VAL A 342 -5.62 -16.52 18.90
CA VAL A 342 -5.64 -16.71 17.45
C VAL A 342 -7.10 -16.92 17.10
N THR A 343 -7.42 -16.75 15.84
CA THR A 343 -8.78 -16.83 15.39
C THR A 343 -9.37 -18.23 15.15
N THR A 344 -8.53 -19.22 14.87
CA THR A 344 -8.97 -20.59 14.62
C THR A 344 -8.10 -21.58 15.40
N PRO A 345 -8.52 -22.85 15.52
CA PRO A 345 -7.74 -23.85 16.25
C PRO A 345 -6.51 -24.16 15.43
N GLY A 346 -6.69 -24.15 14.11
CA GLY A 346 -5.59 -24.42 13.21
C GLY A 346 -4.71 -23.20 12.90
N SER A 347 -4.91 -22.09 13.60
CA SER A 347 -4.09 -20.89 13.38
C SER A 347 -2.61 -21.08 13.72
N ILE A 348 -2.30 -21.64 14.89
CA ILE A 348 -0.90 -21.85 15.30
C ILE A 348 -0.02 -22.60 14.26
N PRO A 349 -0.46 -23.78 13.78
CA PRO A 349 0.31 -24.53 12.79
C PRO A 349 0.48 -23.75 11.49
N THR A 350 -0.58 -23.10 11.02
CA THR A 350 -0.53 -22.31 9.80
C THR A 350 0.41 -21.10 9.94
N ILE A 351 0.36 -20.45 11.10
CA ILE A 351 1.25 -19.32 11.35
C ILE A 351 2.68 -19.84 11.45
N CYS A 352 2.84 -21.03 12.00
CA CYS A 352 4.15 -21.64 12.12
C CYS A 352 4.71 -21.96 10.73
N ASP A 353 3.89 -22.57 9.89
CA ASP A 353 4.30 -22.92 8.54
C ASP A 353 4.70 -21.67 7.75
N LEU A 354 3.91 -20.62 7.88
CA LEU A 354 4.16 -19.36 7.21
C LEU A 354 5.57 -18.81 7.56
N ALA A 355 5.86 -18.73 8.86
CA ALA A 355 7.14 -18.23 9.34
C ALA A 355 8.33 -19.04 8.87
N ARG A 356 8.24 -20.37 8.96
CA ARG A 356 9.32 -21.24 8.53
C ARG A 356 9.53 -21.20 7.03
N THR A 357 8.43 -21.09 6.29
CA THR A 357 8.52 -21.02 4.84
C THR A 357 9.11 -19.67 4.36
N PHE A 358 8.72 -18.58 5.00
CA PHE A 358 9.27 -17.25 4.67
C PHE A 358 10.78 -17.32 4.93
N ALA A 359 11.15 -17.77 6.12
CA ALA A 359 12.56 -17.90 6.49
C ALA A 359 13.38 -18.74 5.51
N ARG A 360 12.86 -19.93 5.20
CA ARG A 360 13.49 -20.89 4.29
C ARG A 360 13.70 -20.31 2.88
N GLU A 361 12.70 -19.58 2.40
CA GLU A 361 12.75 -19.00 1.06
C GLU A 361 13.45 -17.65 0.91
N MET A 362 13.24 -16.75 1.85
CA MET A 362 13.86 -15.43 1.71
C MET A 362 14.96 -15.03 2.66
N GLY A 363 15.13 -15.77 3.74
CA GLY A 363 16.20 -15.44 4.64
C GLY A 363 17.45 -15.94 3.94
N GLU A 364 18.51 -15.14 3.89
CA GLU A 364 19.72 -15.61 3.24
C GLU A 364 20.63 -16.35 4.23
N ALA A 365 20.51 -16.11 5.46
N MET B 36 -28.54 3.05 13.68
CA MET B 36 -27.57 3.90 12.92
C MET B 36 -28.07 3.99 11.47
N PRO B 37 -27.99 5.19 10.85
CA PRO B 37 -28.44 5.32 9.46
C PRO B 37 -27.65 4.40 8.50
N THR B 38 -28.13 4.24 7.28
CA THR B 38 -27.45 3.39 6.31
C THR B 38 -26.77 4.17 5.20
N LEU B 39 -25.74 3.56 4.64
CA LEU B 39 -24.96 4.17 3.58
C LEU B 39 -24.89 3.23 2.39
N LEU B 40 -24.88 3.84 1.20
CA LEU B 40 -24.78 3.09 -0.04
C LEU B 40 -23.54 3.62 -0.76
N ARG B 41 -22.51 2.77 -0.89
CA ARG B 41 -21.30 3.16 -1.61
C ARG B 41 -21.29 2.46 -2.96
N VAL B 42 -20.97 3.19 -4.01
CA VAL B 42 -20.92 2.62 -5.35
C VAL B 42 -19.67 3.17 -6.03
N TYR B 43 -18.76 2.29 -6.45
CA TYR B 43 -17.53 2.69 -7.13
C TYR B 43 -17.69 2.39 -8.61
N ILE B 44 -17.72 3.43 -9.47
CA ILE B 44 -17.83 3.20 -10.91
C ILE B 44 -16.39 3.08 -11.41
N ASP B 45 -16.07 1.95 -12.04
CA ASP B 45 -14.70 1.73 -12.50
C ASP B 45 -14.71 1.12 -13.88
N GLY B 46 -13.53 0.82 -14.41
CA GLY B 46 -13.43 0.25 -15.73
C GLY B 46 -12.37 0.97 -16.52
N PRO B 47 -12.16 0.61 -17.78
CA PRO B 47 -11.14 1.30 -18.58
C PRO B 47 -11.50 2.77 -18.80
N HIS B 48 -10.49 3.61 -18.96
CA HIS B 48 -10.73 5.02 -19.26
C HIS B 48 -11.29 5.16 -20.70
N GLY B 49 -12.06 6.22 -20.95
CA GLY B 49 -12.59 6.49 -22.29
C GLY B 49 -13.98 5.98 -22.64
N MET B 50 -14.74 5.51 -21.66
CA MET B 50 -16.08 4.98 -21.91
C MET B 50 -17.22 5.95 -21.57
N GLY B 51 -16.88 7.06 -20.92
CA GLY B 51 -17.86 8.06 -20.53
C GLY B 51 -18.34 7.82 -19.11
N LYS B 52 -17.50 7.20 -18.29
CA LYS B 52 -17.82 6.88 -16.91
C LYS B 52 -18.03 8.08 -16.02
N THR B 53 -17.10 9.02 -16.05
CA THR B 53 -17.17 10.21 -15.21
C THR B 53 -18.40 11.06 -15.51
N THR B 54 -18.80 11.09 -16.78
CA THR B 54 -19.98 11.84 -17.17
C THR B 54 -21.26 11.28 -16.56
N THR B 55 -21.40 9.97 -16.58
CA THR B 55 -22.61 9.41 -16.05
C THR B 55 -22.71 9.38 -14.54
N THR B 56 -21.58 9.41 -13.85
CA THR B 56 -21.61 9.48 -12.39
C THR B 56 -22.16 10.87 -12.05
N GLN B 57 -21.72 11.88 -12.79
CA GLN B 57 -22.19 13.24 -12.56
C GLN B 57 -23.69 13.35 -12.89
N LEU B 58 -24.13 12.74 -13.98
CA LEU B 58 -25.56 12.79 -14.32
C LEU B 58 -26.38 12.16 -13.20
N LEU B 59 -25.88 11.04 -12.70
CA LEU B 59 -26.56 10.33 -11.63
C LEU B 59 -26.76 11.25 -10.45
N VAL B 60 -25.70 11.94 -10.05
CA VAL B 60 -25.70 12.86 -8.91
C VAL B 60 -26.61 14.11 -9.16
N ALA B 61 -26.78 14.49 -10.41
CA ALA B 61 -27.59 15.64 -10.71
C ALA B 61 -29.07 15.40 -10.40
N LEU B 62 -29.41 14.13 -10.17
CA LEU B 62 -30.77 13.68 -9.87
C LEU B 62 -31.17 13.83 -8.40
N GLY B 63 -32.35 13.56 -8.11
N ASP B 67 -28.25 14.28 -0.46
CA ASP B 67 -28.12 12.93 0.12
C ASP B 67 -27.39 11.96 -0.79
N ILE B 68 -26.70 12.49 -1.80
CA ILE B 68 -25.87 11.69 -2.69
C ILE B 68 -24.64 12.54 -2.84
N VAL B 69 -23.47 11.93 -2.73
CA VAL B 69 -22.27 12.72 -2.91
C VAL B 69 -21.31 12.00 -3.85
N TYR B 70 -20.45 12.78 -4.46
CA TYR B 70 -19.48 12.34 -5.46
C TYR B 70 -18.02 12.50 -4.99
N VAL B 71 -17.19 11.50 -5.29
CA VAL B 71 -15.75 11.57 -5.04
C VAL B 71 -15.18 11.42 -6.47
N PRO B 72 -14.80 12.55 -7.09
CA PRO B 72 -14.25 12.56 -8.45
C PRO B 72 -12.82 12.03 -8.55
N GLU B 73 -12.32 11.94 -9.78
CA GLU B 73 -10.94 11.54 -9.99
C GLU B 73 -10.08 12.72 -9.54
N PRO B 74 -9.10 12.44 -8.66
CA PRO B 74 -8.19 13.45 -8.12
C PRO B 74 -7.20 14.04 -9.14
N MET B 75 -7.74 14.53 -10.27
CA MET B 75 -6.93 15.12 -11.35
C MET B 75 -5.92 16.19 -10.88
N THR B 76 -6.31 17.04 -9.93
CA THR B 76 -5.41 18.08 -9.46
C THR B 76 -4.21 17.48 -8.73
N TYR B 77 -4.40 16.31 -8.12
CA TYR B 77 -3.28 15.63 -7.45
C TYR B 77 -2.30 15.11 -8.50
N TRP B 78 -2.84 14.45 -9.51
CA TRP B 78 -2.07 13.88 -10.61
C TRP B 78 -1.31 14.93 -11.42
N ARG B 79 -1.93 16.09 -11.61
CA ARG B 79 -1.36 17.17 -12.38
C ARG B 79 -0.46 18.12 -11.62
N VAL B 80 -0.77 18.35 -10.35
CA VAL B 80 -0.02 19.32 -9.55
C VAL B 80 0.43 18.94 -8.13
N LEU B 81 -0.54 18.60 -7.28
CA LEU B 81 -0.21 18.35 -5.89
C LEU B 81 0.74 17.21 -5.54
N GLY B 82 0.62 16.07 -6.22
CA GLY B 82 1.49 14.93 -5.92
C GLY B 82 2.77 14.94 -6.74
N ALA B 83 2.64 15.33 -8.00
CA ALA B 83 3.76 15.40 -8.94
C ALA B 83 3.29 16.29 -10.08
N SER B 84 4.17 16.53 -11.04
CA SER B 84 3.82 17.37 -12.18
C SER B 84 3.44 16.57 -13.42
N GLU B 85 2.22 16.78 -13.93
CA GLU B 85 1.70 16.09 -15.11
C GLU B 85 2.04 14.61 -15.14
N THR B 86 1.50 13.86 -14.17
CA THR B 86 1.76 12.43 -14.06
C THR B 86 1.24 11.63 -15.26
N ILE B 87 0.05 11.96 -15.74
CA ILE B 87 -0.48 11.24 -16.87
C ILE B 87 0.38 11.48 -18.11
N ALA B 88 0.76 12.73 -18.33
CA ALA B 88 1.63 13.06 -19.46
C ALA B 88 2.94 12.29 -19.32
N ASN B 89 3.46 12.20 -18.11
CA ASN B 89 4.70 11.47 -17.82
C ASN B 89 4.56 9.96 -18.14
N ILE B 90 3.41 9.36 -17.81
CA ILE B 90 3.15 7.95 -18.07
C ILE B 90 3.16 7.61 -19.58
N TYR B 91 2.42 8.39 -20.36
CA TYR B 91 2.33 8.18 -21.80
C TYR B 91 3.62 8.40 -22.55
N THR B 92 4.39 9.38 -22.09
CA THR B 92 5.68 9.71 -22.71
C THR B 92 6.64 8.57 -22.47
N THR B 93 6.70 8.09 -21.23
CA THR B 93 7.59 6.99 -20.86
C THR B 93 7.29 5.72 -21.65
N GLN B 94 6.02 5.40 -21.82
CA GLN B 94 5.66 4.21 -22.57
C GLN B 94 6.05 4.44 -24.02
N HIS B 95 5.83 5.66 -24.51
CA HIS B 95 6.20 5.95 -25.90
C HIS B 95 7.69 5.86 -26.14
N ARG B 96 8.48 6.41 -25.22
CA ARG B 96 9.92 6.37 -25.34
C ARG B 96 10.42 4.94 -25.25
N LEU B 97 9.65 4.07 -24.61
CA LEU B 97 10.02 2.67 -24.45
C LEU B 97 9.74 1.99 -25.78
N ASP B 98 8.51 2.08 -26.27
CA ASP B 98 8.11 1.46 -27.53
C ASP B 98 9.02 1.91 -28.67
N GLN B 99 9.55 3.12 -28.56
CA GLN B 99 10.42 3.65 -29.59
C GLN B 99 11.86 3.16 -29.47
N GLY B 100 12.16 2.43 -28.41
CA GLY B 100 13.50 1.91 -28.20
C GLY B 100 14.46 3.01 -27.78
N GLU B 101 13.93 4.08 -27.22
CA GLU B 101 14.74 5.22 -26.79
C GLU B 101 15.20 5.14 -25.32
N ILE B 102 14.57 4.26 -24.54
CA ILE B 102 14.95 4.02 -23.15
C ILE B 102 14.87 2.52 -22.96
N SER B 103 15.46 2.03 -21.87
CA SER B 103 15.43 0.59 -21.61
C SER B 103 14.22 0.21 -20.78
N ALA B 104 13.92 -1.09 -20.75
CA ALA B 104 12.80 -1.58 -19.97
C ALA B 104 12.96 -1.19 -18.51
N GLY B 105 14.19 -1.29 -18.01
CA GLY B 105 14.49 -0.94 -16.62
C GLY B 105 14.27 0.54 -16.31
N ASP B 106 14.58 1.42 -17.27
CA ASP B 106 14.39 2.87 -17.12
C ASP B 106 12.91 3.18 -17.11
N ALA B 107 12.19 2.48 -17.99
CA ALA B 107 10.75 2.63 -18.10
C ALA B 107 10.05 2.18 -16.80
N ALA B 108 10.41 0.99 -16.31
CA ALA B 108 9.84 0.41 -15.08
C ALA B 108 9.98 1.28 -13.84
N VAL B 109 11.18 1.82 -13.65
CA VAL B 109 11.48 2.68 -12.53
C VAL B 109 10.56 3.92 -12.57
N VAL B 110 10.38 4.48 -13.77
CA VAL B 110 9.51 5.66 -13.97
C VAL B 110 8.02 5.28 -13.88
N MET B 111 7.61 4.21 -14.57
CA MET B 111 6.22 3.76 -14.55
C MET B 111 5.74 3.41 -13.16
N THR B 112 6.56 2.71 -12.41
CA THR B 112 6.22 2.32 -11.04
C THR B 112 6.03 3.50 -10.07
N SER B 113 6.94 4.49 -10.06
CA SER B 113 6.80 5.65 -9.16
C SER B 113 5.57 6.44 -9.54
N ALA B 114 5.30 6.52 -10.84
CA ALA B 114 4.12 7.22 -11.32
C ALA B 114 2.85 6.53 -10.79
N GLN B 115 2.85 5.20 -10.70
CA GLN B 115 1.67 4.52 -10.19
C GLN B 115 1.39 4.92 -8.75
N ILE B 116 2.46 5.10 -7.97
CA ILE B 116 2.31 5.48 -6.57
C ILE B 116 1.60 6.84 -6.43
N THR B 117 1.94 7.77 -7.30
CA THR B 117 1.35 9.12 -7.28
C THR B 117 -0.14 9.06 -7.66
N MET B 118 -0.46 8.20 -8.63
CA MET B 118 -1.83 8.05 -9.10
C MET B 118 -2.79 7.49 -8.04
N GLY B 119 -2.31 6.53 -7.25
CA GLY B 119 -3.18 5.91 -6.26
C GLY B 119 -3.27 6.53 -4.90
N MET B 120 -2.38 7.47 -4.57
CA MET B 120 -2.37 8.09 -3.24
C MET B 120 -3.72 8.62 -2.70
N PRO B 121 -4.45 9.45 -3.46
CA PRO B 121 -5.74 9.97 -2.96
C PRO B 121 -6.77 8.86 -2.71
N TYR B 122 -6.62 7.75 -3.44
CA TYR B 122 -7.50 6.59 -3.30
C TYR B 122 -7.27 5.85 -1.98
N ALA B 123 -5.99 5.67 -1.62
CA ALA B 123 -5.64 5.02 -0.36
C ALA B 123 -6.02 5.89 0.83
N VAL B 124 -5.74 7.19 0.79
CA VAL B 124 -6.10 8.05 1.91
C VAL B 124 -7.61 8.03 2.17
N THR B 125 -8.39 8.16 1.10
CA THR B 125 -9.85 8.14 1.17
C THR B 125 -10.38 6.85 1.84
N ASP B 126 -9.89 5.70 1.39
CA ASP B 126 -10.27 4.40 1.95
C ASP B 126 -9.92 4.29 3.45
N ALA B 127 -8.70 4.68 3.83
CA ALA B 127 -8.25 4.65 5.22
C ALA B 127 -9.04 5.56 6.16
N VAL B 128 -9.42 6.74 5.65
CA VAL B 128 -10.23 7.73 6.41
C VAL B 128 -11.70 7.30 6.54
N LEU B 129 -12.25 6.69 5.49
CA LEU B 129 -13.63 6.23 5.49
C LEU B 129 -13.88 4.94 6.27
N ALA B 130 -12.90 4.04 6.25
CA ALA B 130 -12.97 2.71 6.90
C ALA B 130 -13.68 2.53 8.27
N PRO B 131 -13.24 3.27 9.30
CA PRO B 131 -13.86 3.15 10.63
C PRO B 131 -15.29 3.66 10.77
N HIS B 132 -15.88 4.11 9.66
CA HIS B 132 -17.24 4.60 9.68
C HIS B 132 -18.21 3.57 9.17
N ILE B 133 -17.69 2.63 8.39
CA ILE B 133 -18.49 1.57 7.78
C ILE B 133 -18.84 0.51 8.80
N GLY B 134 -20.14 0.27 8.99
CA GLY B 134 -20.60 -0.75 9.91
C GLY B 134 -21.01 -2.00 9.15
N GLY B 135 -21.81 -2.86 9.77
CA GLY B 135 -22.26 -4.07 9.11
C GLY B 135 -23.22 -3.80 7.96
N GLU B 136 -23.41 -4.79 7.09
CA GLU B 136 -24.31 -4.64 5.95
C GLU B 136 -25.76 -4.58 6.41
N ALA B 137 -26.58 -3.86 5.65
CA ALA B 137 -28.00 -3.70 5.97
C ALA B 137 -28.90 -4.67 5.18
N GLY B 138 -28.98 -4.56 3.92
N PRO B 144 -34.31 3.20 1.00
CA PRO B 144 -33.63 4.48 0.65
C PRO B 144 -32.45 4.69 1.60
N PRO B 145 -31.23 4.83 1.06
CA PRO B 145 -30.08 5.05 1.95
C PRO B 145 -30.16 6.45 2.54
N ALA B 146 -29.52 6.71 3.68
CA ALA B 146 -29.53 8.07 4.23
C ALA B 146 -28.51 8.91 3.45
N LEU B 147 -27.57 8.21 2.81
CA LEU B 147 -26.53 8.83 2.00
C LEU B 147 -26.02 7.84 0.94
N THR B 148 -25.84 8.36 -0.26
CA THR B 148 -25.33 7.56 -1.37
C THR B 148 -24.03 8.24 -1.79
N LEU B 149 -22.93 7.47 -1.76
CA LEU B 149 -21.59 7.93 -2.14
C LEU B 149 -21.16 7.29 -3.46
N ILE B 150 -21.02 8.10 -4.50
CA ILE B 150 -20.60 7.60 -5.81
C ILE B 150 -19.11 7.93 -5.97
N PHE B 151 -18.26 6.91 -6.07
CA PHE B 151 -16.83 7.13 -6.23
C PHE B 151 -16.44 6.96 -7.68
N ASP B 152 -15.49 7.78 -8.10
CA ASP B 152 -14.96 7.70 -9.44
C ASP B 152 -13.74 6.79 -9.31
N ARG B 153 -13.97 5.49 -9.51
CA ARG B 153 -12.99 4.40 -9.41
C ARG B 153 -12.78 3.90 -7.97
N HIS B 154 -12.20 2.71 -7.85
CA HIS B 154 -11.92 2.05 -6.58
C HIS B 154 -10.41 1.89 -6.44
N PRO B 155 -9.88 1.78 -5.21
CA PRO B 155 -8.43 1.61 -5.02
C PRO B 155 -7.79 0.55 -5.90
N ILE B 156 -8.52 -0.55 -6.19
CA ILE B 156 -7.97 -1.61 -7.05
C ILE B 156 -7.61 -1.15 -8.46
N ALA B 157 -8.17 -0.02 -8.91
CA ALA B 157 -7.81 0.49 -10.25
C ALA B 157 -6.33 0.92 -10.20
N ALA B 158 -5.94 1.48 -9.05
CA ALA B 158 -4.58 1.98 -8.81
C ALA B 158 -3.60 0.95 -8.29
N LEU B 159 -4.13 0.00 -7.51
CA LEU B 159 -3.34 -1.05 -6.88
C LEU B 159 -3.35 -2.41 -7.57
N LEU B 160 -4.07 -2.54 -8.68
CA LEU B 160 -4.15 -3.82 -9.42
C LEU B 160 -4.28 -3.69 -10.94
N CYS B 161 -5.38 -3.10 -11.39
CA CYS B 161 -5.67 -2.96 -12.81
C CYS B 161 -4.70 -2.19 -13.71
N TYR B 162 -4.38 -0.94 -13.39
CA TYR B 162 -3.44 -0.22 -14.26
C TYR B 162 -2.03 -0.79 -14.16
N PRO B 163 -1.62 -1.20 -12.95
CA PRO B 163 -0.26 -1.75 -12.88
C PRO B 163 -0.18 -3.07 -13.68
N ALA B 164 -1.25 -3.87 -13.66
CA ALA B 164 -1.24 -5.13 -14.42
C ALA B 164 -1.17 -4.82 -15.93
N ALA B 165 -1.93 -3.80 -16.38
CA ALA B 165 -1.92 -3.44 -17.79
C ALA B 165 -0.54 -2.98 -18.22
N ARG B 166 0.10 -2.16 -17.40
CA ARG B 166 1.45 -1.69 -17.71
C ARG B 166 2.44 -2.84 -17.72
N TYR B 167 2.20 -3.85 -16.90
CA TYR B 167 3.04 -5.05 -16.90
C TYR B 167 2.89 -5.67 -18.31
N LEU B 168 1.65 -5.86 -18.76
CA LEU B 168 1.37 -6.41 -20.07
C LEU B 168 2.03 -5.56 -21.16
N MET B 169 2.10 -4.24 -20.91
CA MET B 169 2.73 -3.32 -21.86
C MET B 169 4.26 -3.39 -21.77
N GLY B 170 4.76 -4.10 -20.76
CA GLY B 170 6.19 -4.24 -20.56
C GLY B 170 6.93 -3.13 -19.84
N SER B 171 6.24 -2.16 -19.25
CA SER B 171 6.90 -1.05 -18.56
C SER B 171 6.88 -1.21 -17.05
N MET B 172 6.53 -2.42 -16.61
CA MET B 172 6.50 -2.75 -15.20
C MET B 172 6.72 -4.24 -15.09
N THR B 173 7.36 -4.65 -14.00
CA THR B 173 7.65 -6.07 -13.73
C THR B 173 6.51 -6.74 -12.94
N PRO B 174 6.31 -8.05 -13.13
CA PRO B 174 5.23 -8.68 -12.38
C PRO B 174 5.45 -8.67 -10.86
N GLN B 175 6.71 -8.56 -10.41
CA GLN B 175 6.97 -8.50 -8.97
C GLN B 175 6.49 -7.19 -8.40
N ALA B 176 6.60 -6.11 -9.16
CA ALA B 176 6.13 -4.80 -8.70
C ALA B 176 4.59 -4.80 -8.65
N VAL B 177 3.95 -5.42 -9.65
CA VAL B 177 2.49 -5.51 -9.67
C VAL B 177 1.98 -6.24 -8.40
N LEU B 178 2.62 -7.35 -8.03
CA LEU B 178 2.22 -8.09 -6.83
C LEU B 178 2.50 -7.33 -5.53
N ALA B 179 3.46 -6.39 -5.54
CA ALA B 179 3.73 -5.58 -4.35
C ALA B 179 2.54 -4.62 -4.10
N PHE B 180 2.00 -4.07 -5.17
CA PHE B 180 0.84 -3.18 -5.08
C PHE B 180 -0.38 -4.00 -4.62
N VAL B 181 -0.55 -5.18 -5.20
CA VAL B 181 -1.65 -6.07 -4.81
C VAL B 181 -1.56 -6.40 -3.33
N ALA B 182 -0.35 -6.67 -2.82
CA ALA B 182 -0.22 -7.01 -1.40
C ALA B 182 -0.65 -5.85 -0.51
N LEU B 183 -0.68 -4.65 -1.08
CA LEU B 183 -1.07 -3.46 -0.34
C LEU B 183 -2.55 -3.07 -0.51
N ILE B 184 -3.32 -3.83 -1.29
CA ILE B 184 -4.73 -3.49 -1.46
C ILE B 184 -5.38 -3.53 -0.06
N PRO B 185 -6.04 -2.43 0.36
CA PRO B 185 -6.67 -2.43 1.69
C PRO B 185 -7.82 -3.45 1.86
N PRO B 186 -8.06 -3.90 3.12
CA PRO B 186 -9.12 -4.85 3.41
C PRO B 186 -10.44 -4.39 2.81
N THR B 187 -11.21 -5.32 2.26
CA THR B 187 -12.51 -5.04 1.63
C THR B 187 -13.62 -4.89 2.65
N LEU B 188 -14.11 -3.66 2.71
CA LEU B 188 -15.16 -3.25 3.63
C LEU B 188 -16.51 -3.79 3.16
N PRO B 189 -17.42 -4.05 4.10
CA PRO B 189 -18.76 -4.54 3.80
C PRO B 189 -19.46 -3.54 2.88
N GLY B 190 -20.25 -4.03 1.92
CA GLY B 190 -20.95 -3.13 1.04
C GLY B 190 -20.13 -2.53 -0.10
N THR B 191 -19.07 -3.23 -0.52
CA THR B 191 -18.25 -2.75 -1.62
C THR B 191 -18.86 -3.16 -2.95
N ASN B 192 -19.67 -2.24 -3.48
CA ASN B 192 -20.36 -2.43 -4.76
C ASN B 192 -19.54 -1.80 -5.86
N ILE B 193 -19.12 -2.60 -6.83
CA ILE B 193 -18.31 -2.08 -7.93
C ILE B 193 -18.98 -2.25 -9.29
N VAL B 194 -19.09 -1.13 -10.03
CA VAL B 194 -19.70 -1.15 -11.36
C VAL B 194 -18.63 -1.03 -12.44
N LEU B 195 -18.51 -2.06 -13.27
CA LEU B 195 -17.52 -2.08 -14.34
C LEU B 195 -18.25 -1.87 -15.66
N GLY B 196 -17.64 -1.13 -16.57
CA GLY B 196 -18.30 -0.84 -17.82
C GLY B 196 -17.94 -1.67 -19.03
N ALA B 197 -18.90 -1.80 -19.93
CA ALA B 197 -18.72 -2.55 -21.17
C ALA B 197 -18.99 -1.61 -22.36
N LEU B 198 -18.18 -1.76 -23.39
CA LEU B 198 -18.29 -0.94 -24.59
C LEU B 198 -17.55 -1.66 -25.72
N PRO B 199 -18.21 -1.90 -26.86
CA PRO B 199 -17.53 -2.58 -27.97
C PRO B 199 -16.21 -1.89 -28.30
N GLU B 200 -15.19 -2.67 -28.65
CA GLU B 200 -13.89 -2.10 -28.95
C GLU B 200 -13.82 -1.02 -30.02
N ASP B 201 -14.54 -1.21 -31.14
CA ASP B 201 -14.50 -0.20 -32.21
C ASP B 201 -15.06 1.15 -31.80
N ARG B 202 -16.11 1.13 -30.98
CA ARG B 202 -16.73 2.35 -30.47
C ARG B 202 -15.80 3.00 -29.45
N HIS B 203 -15.18 2.17 -28.59
CA HIS B 203 -14.23 2.62 -27.56
C HIS B 203 -13.08 3.30 -28.27
N ILE B 204 -12.55 2.66 -29.31
CA ILE B 204 -11.45 3.22 -30.08
C ILE B 204 -11.88 4.59 -30.57
N ASP B 205 -13.06 4.66 -31.20
CA ASP B 205 -13.60 5.93 -31.73
C ASP B 205 -13.76 6.96 -30.63
N ARG B 206 -14.30 6.53 -29.49
CA ARG B 206 -14.46 7.43 -28.36
C ARG B 206 -13.12 7.99 -27.93
N LEU B 207 -12.18 7.09 -27.63
CA LEU B 207 -10.85 7.49 -27.19
C LEU B 207 -10.25 8.59 -28.05
N ALA B 208 -10.38 8.51 -29.37
CA ALA B 208 -9.82 9.55 -30.24
C ALA B 208 -10.41 10.93 -29.86
N LYS B 209 -11.44 10.90 -29.03
CA LYS B 209 -12.13 12.09 -28.54
C LYS B 209 -11.80 12.37 -27.09
N ARG B 210 -12.35 11.55 -26.20
CA ARG B 210 -12.17 11.70 -24.76
C ARG B 210 -10.74 11.48 -24.20
N GLN B 211 -9.73 12.07 -24.83
CA GLN B 211 -8.34 11.93 -24.38
C GLN B 211 -8.15 12.53 -22.98
N ARG B 212 -6.88 12.61 -22.54
CA ARG B 212 -6.54 13.15 -21.23
C ARG B 212 -5.32 14.03 -21.41
N PRO B 213 -5.21 15.12 -20.62
CA PRO B 213 -4.04 16.00 -20.76
C PRO B 213 -2.74 15.25 -20.47
N GLY B 214 -2.04 14.94 -21.56
CA GLY B 214 -0.79 14.21 -21.50
C GLY B 214 -0.96 12.86 -22.19
N GLU B 215 -2.22 12.46 -22.37
CA GLU B 215 -2.52 11.19 -23.00
C GLU B 215 -2.29 11.15 -24.52
N ARG B 216 -1.68 10.07 -24.98
CA ARG B 216 -1.44 9.85 -26.41
C ARG B 216 -2.27 8.62 -26.70
N LEU B 217 -3.01 8.60 -27.80
CA LEU B 217 -3.82 7.40 -28.10
C LEU B 217 -2.97 6.19 -28.48
N ASP B 218 -2.86 5.27 -27.53
CA ASP B 218 -2.09 4.05 -27.68
C ASP B 218 -3.11 2.94 -27.61
N LEU B 219 -3.36 2.26 -28.72
CA LEU B 219 -4.35 1.20 -28.69
C LEU B 219 -3.87 -0.14 -28.13
N ALA B 220 -2.56 -0.27 -27.94
CA ALA B 220 -2.02 -1.49 -27.33
C ALA B 220 -2.37 -1.42 -25.83
N MET B 221 -2.27 -0.21 -25.27
CA MET B 221 -2.58 0.05 -23.87
C MET B 221 -4.08 -0.05 -23.65
N LEU B 222 -4.86 0.43 -24.62
CA LEU B 222 -6.33 0.38 -24.55
C LEU B 222 -6.75 -1.10 -24.52
N ALA B 223 -6.15 -1.91 -25.39
CA ALA B 223 -6.43 -3.34 -25.41
C ALA B 223 -6.02 -4.01 -24.08
N ALA B 224 -4.84 -3.63 -23.57
CA ALA B 224 -4.36 -4.19 -22.30
C ALA B 224 -5.31 -3.90 -21.15
N ILE B 225 -5.73 -2.64 -20.99
CA ILE B 225 -6.62 -2.27 -19.89
C ILE B 225 -8.01 -2.90 -20.00
N ARG B 226 -8.50 -3.06 -21.21
CA ARG B 226 -9.80 -3.68 -21.45
C ARG B 226 -9.71 -5.14 -21.06
N ARG B 227 -8.63 -5.80 -21.45
CA ARG B 227 -8.44 -7.21 -21.09
C ARG B 227 -8.28 -7.38 -19.57
N VAL B 228 -7.53 -6.50 -18.92
CA VAL B 228 -7.36 -6.58 -17.48
C VAL B 228 -8.69 -6.44 -16.72
N TYR B 229 -9.58 -5.53 -17.13
CA TYR B 229 -10.87 -5.37 -16.45
C TYR B 229 -11.87 -6.53 -16.73
N GLY B 230 -11.77 -7.14 -17.90
CA GLY B 230 -12.62 -8.27 -18.23
C GLY B 230 -12.19 -9.47 -17.39
N LEU B 231 -10.88 -9.62 -17.18
CA LEU B 231 -10.33 -10.69 -16.33
C LEU B 231 -10.78 -10.43 -14.89
N LEU B 232 -10.77 -9.17 -14.46
CA LEU B 232 -11.21 -8.83 -13.09
C LEU B 232 -12.63 -9.33 -12.86
N ALA B 233 -13.52 -8.98 -13.77
CA ALA B 233 -14.92 -9.37 -13.66
C ALA B 233 -15.08 -10.90 -13.49
N ASN B 234 -14.34 -11.65 -14.31
CA ASN B 234 -14.37 -13.13 -14.26
C ASN B 234 -13.81 -13.67 -12.95
N THR B 235 -12.80 -13.00 -12.43
CA THR B 235 -12.16 -13.42 -11.19
C THR B 235 -13.12 -13.38 -10.03
N VAL B 236 -13.93 -12.32 -9.95
CA VAL B 236 -14.90 -12.19 -8.88
C VAL B 236 -15.90 -13.35 -9.00
N ARG B 237 -16.35 -13.59 -10.24
CA ARG B 237 -17.30 -14.67 -10.53
C ARG B 237 -16.67 -15.97 -10.06
N TYR B 238 -15.49 -16.25 -10.62
CA TYR B 238 -14.71 -17.43 -10.28
C TYR B 238 -14.67 -17.63 -8.77
N LEU B 239 -14.31 -16.61 -8.01
CA LEU B 239 -14.22 -16.75 -6.56
C LEU B 239 -15.52 -16.99 -5.81
N GLN B 240 -16.57 -16.29 -6.23
CA GLN B 240 -17.85 -16.43 -5.57
C GLN B 240 -18.53 -17.76 -5.90
N CYS B 241 -18.07 -18.43 -6.95
CA CYS B 241 -18.58 -19.76 -7.33
C CYS B 241 -17.72 -20.81 -6.62
N GLY B 242 -16.91 -20.36 -5.67
CA GLY B 242 -16.08 -21.29 -4.93
C GLY B 242 -14.76 -21.75 -5.54
N GLY B 243 -14.28 -21.06 -6.57
CA GLY B 243 -13.01 -21.42 -7.20
C GLY B 243 -11.81 -21.21 -6.28
N SER B 244 -10.85 -22.12 -6.36
CA SER B 244 -9.63 -22.06 -5.56
C SER B 244 -8.49 -22.00 -6.56
N TRP B 245 -7.81 -20.84 -6.65
CA TRP B 245 -6.72 -20.71 -7.62
C TRP B 245 -5.60 -21.75 -7.44
N ARG B 246 -5.30 -22.10 -6.19
CA ARG B 246 -4.28 -23.09 -5.89
C ARG B 246 -4.65 -24.47 -6.45
N GLU B 247 -5.93 -24.82 -6.38
CA GLU B 247 -6.41 -26.11 -6.88
C GLU B 247 -6.34 -26.17 -8.41
N ASP B 248 -6.67 -25.05 -9.02
CA ASP B 248 -6.71 -24.97 -10.47
C ASP B 248 -5.48 -24.46 -11.18
N TRP B 249 -4.41 -24.19 -10.43
CA TRP B 249 -3.18 -23.65 -11.01
C TRP B 249 -2.63 -24.48 -12.13
N GLY B 250 -2.59 -25.79 -11.91
CA GLY B 250 -2.06 -26.69 -12.92
C GLY B 250 -2.85 -26.67 -14.21
N GLN B 251 -4.07 -26.14 -14.16
CA GLN B 251 -4.92 -26.05 -15.34
C GLN B 251 -4.50 -24.96 -16.29
N LEU B 252 -3.43 -24.23 -15.96
CA LEU B 252 -2.92 -23.14 -16.81
C LEU B 252 -1.81 -23.63 -17.72
N SER B 253 -0.88 -24.34 -17.22
N ALA B 268 -22.98 -13.05 -12.83
CA ALA B 268 -23.76 -14.32 -12.86
C ALA B 268 -23.18 -15.22 -13.94
N GLY B 269 -23.86 -16.33 -14.24
CA GLY B 269 -23.36 -17.25 -15.24
C GLY B 269 -22.63 -18.38 -14.54
N PRO B 270 -21.95 -19.28 -15.26
CA PRO B 270 -21.23 -20.36 -14.61
C PRO B 270 -19.83 -19.94 -14.16
N ARG B 271 -19.13 -20.86 -13.51
CA ARG B 271 -17.79 -20.60 -13.04
C ARG B 271 -16.81 -20.56 -14.21
N PRO B 272 -16.04 -19.46 -14.32
CA PRO B 272 -15.06 -19.29 -15.41
C PRO B 272 -13.82 -20.21 -15.24
N HIS B 273 -13.13 -20.45 -16.35
CA HIS B 273 -11.90 -21.22 -16.35
C HIS B 273 -10.87 -20.26 -15.71
N ILE B 274 -10.02 -20.76 -14.81
CA ILE B 274 -8.97 -19.96 -14.19
C ILE B 274 -8.15 -19.21 -15.25
N GLY B 275 -8.04 -19.80 -16.44
CA GLY B 275 -7.30 -19.18 -17.51
C GLY B 275 -8.00 -17.92 -17.99
N ASP B 276 -9.23 -17.70 -17.52
CA ASP B 276 -10.00 -16.50 -17.90
C ASP B 276 -10.07 -15.53 -16.73
N THR B 277 -9.19 -15.70 -15.75
CA THR B 277 -9.18 -14.83 -14.59
C THR B 277 -7.81 -14.14 -14.52
N LEU B 278 -7.64 -13.25 -13.55
CA LEU B 278 -6.37 -12.52 -13.38
C LEU B 278 -5.21 -13.42 -12.98
N PHE B 279 -5.54 -14.58 -12.41
CA PHE B 279 -4.48 -15.49 -11.98
C PHE B 279 -3.60 -15.92 -13.13
N THR B 280 -4.14 -15.87 -14.35
CA THR B 280 -3.39 -16.28 -15.53
C THR B 280 -2.21 -15.37 -15.90
N LEU B 281 -2.26 -14.11 -15.47
CA LEU B 281 -1.17 -13.18 -15.77
C LEU B 281 0.08 -13.45 -14.95
N PHE B 282 -0.05 -14.14 -13.81
CA PHE B 282 1.07 -14.37 -12.92
C PHE B 282 1.83 -15.71 -13.09
N ARG B 283 1.76 -16.25 -14.30
CA ARG B 283 2.45 -17.48 -14.69
C ARG B 283 3.66 -17.01 -15.47
N ALA B 284 4.43 -16.10 -14.91
CA ALA B 284 5.57 -15.56 -15.63
C ALA B 284 6.85 -16.17 -15.10
N PRO B 285 7.87 -16.36 -15.97
CA PRO B 285 9.14 -16.94 -15.54
C PRO B 285 9.79 -16.29 -14.32
N GLU B 286 9.66 -14.97 -14.18
CA GLU B 286 10.26 -14.27 -13.05
C GLU B 286 9.67 -14.68 -11.70
N LEU B 287 8.47 -15.25 -11.68
CA LEU B 287 7.88 -15.61 -10.40
C LEU B 287 7.97 -17.08 -10.09
N LEU B 288 8.51 -17.85 -11.03
CA LEU B 288 8.62 -19.30 -10.89
C LEU B 288 9.99 -19.76 -10.43
N ALA B 289 9.98 -20.65 -9.44
CA ALA B 289 11.18 -21.21 -8.85
C ALA B 289 11.76 -22.26 -9.81
N PRO B 290 12.96 -22.79 -9.50
CA PRO B 290 13.57 -23.81 -10.36
C PRO B 290 12.60 -24.96 -10.65
N ASN B 291 11.95 -25.47 -9.59
CA ASN B 291 11.01 -26.58 -9.77
C ASN B 291 9.74 -26.26 -10.58
N GLY B 292 9.70 -25.09 -11.23
CA GLY B 292 8.53 -24.71 -12.03
C GLY B 292 7.37 -24.11 -11.26
N ASP B 293 7.39 -24.23 -9.93
CA ASP B 293 6.32 -23.66 -9.11
C ASP B 293 6.54 -22.18 -8.75
N LEU B 294 5.48 -21.51 -8.34
CA LEU B 294 5.57 -20.10 -7.95
C LEU B 294 6.26 -20.00 -6.58
N TYR B 295 7.13 -19.00 -6.40
CA TYR B 295 7.76 -18.81 -5.10
C TYR B 295 6.65 -18.52 -4.09
N ASN B 296 6.79 -19.02 -2.87
CA ASN B 296 5.76 -18.80 -1.86
C ASN B 296 5.35 -17.35 -1.66
N VAL B 297 6.28 -16.39 -1.79
CA VAL B 297 5.92 -14.98 -1.62
C VAL B 297 4.94 -14.49 -2.66
N PHE B 298 5.10 -14.96 -3.90
CA PHE B 298 4.22 -14.57 -4.98
C PHE B 298 2.87 -15.27 -4.85
N ALA B 299 2.90 -16.51 -4.36
CA ALA B 299 1.67 -17.27 -4.15
C ALA B 299 0.82 -16.64 -3.03
N TRP B 300 1.45 -16.19 -1.95
CA TRP B 300 0.72 -15.54 -0.85
C TRP B 300 0.09 -14.24 -1.33
N ALA B 301 0.71 -13.57 -2.31
CA ALA B 301 0.14 -12.33 -2.84
C ALA B 301 -1.15 -12.69 -3.60
N LEU B 302 -1.19 -13.87 -4.22
CA LEU B 302 -2.39 -14.31 -4.94
C LEU B 302 -3.49 -14.68 -3.91
N ASP B 303 -3.08 -15.15 -2.73
CA ASP B 303 -4.04 -15.47 -1.65
C ASP B 303 -4.71 -14.16 -1.23
N VAL B 304 -3.91 -13.08 -1.20
CA VAL B 304 -4.39 -11.75 -0.85
C VAL B 304 -5.36 -11.29 -1.92
N LEU B 305 -4.96 -11.43 -3.18
CA LEU B 305 -5.81 -11.03 -4.30
C LEU B 305 -7.19 -11.72 -4.21
N ALA B 306 -7.19 -13.04 -4.02
CA ALA B 306 -8.42 -13.79 -3.89
C ALA B 306 -9.24 -13.29 -2.69
N LYS B 307 -8.58 -13.02 -1.57
CA LYS B 307 -9.27 -12.55 -0.36
C LYS B 307 -9.95 -11.18 -0.58
N ARG B 308 -9.27 -10.29 -1.27
CA ARG B 308 -9.80 -8.94 -1.51
C ARG B 308 -11.00 -8.94 -2.47
N LEU B 309 -10.88 -9.67 -3.57
CA LEU B 309 -11.92 -9.70 -4.56
C LEU B 309 -13.18 -10.49 -4.26
N ARG B 310 -13.07 -11.56 -3.47
CA ARG B 310 -14.26 -12.40 -3.22
C ARG B 310 -15.44 -11.83 -2.44
N SER B 311 -15.24 -10.72 -1.73
CA SER B 311 -16.35 -10.15 -0.95
C SER B 311 -16.94 -8.89 -1.61
N MET B 312 -16.45 -8.58 -2.82
CA MET B 312 -16.93 -7.42 -3.56
C MET B 312 -18.20 -7.77 -4.34
N HIS B 313 -19.02 -6.77 -4.59
CA HIS B 313 -20.27 -6.98 -5.34
C HIS B 313 -20.05 -6.31 -6.67
N VAL B 314 -19.82 -7.10 -7.70
CA VAL B 314 -19.53 -6.57 -9.02
C VAL B 314 -20.74 -6.57 -9.96
N PHE B 315 -20.87 -5.47 -10.72
CA PHE B 315 -21.96 -5.28 -11.70
C PHE B 315 -21.38 -4.69 -12.97
N ILE B 316 -22.02 -4.99 -14.09
CA ILE B 316 -21.53 -4.52 -15.39
C ILE B 316 -22.51 -3.50 -15.96
N LEU B 317 -22.00 -2.36 -16.39
CA LEU B 317 -22.84 -1.33 -16.99
C LEU B 317 -22.49 -1.18 -18.48
N ASP B 318 -23.51 -1.26 -19.33
CA ASP B 318 -23.36 -1.11 -20.78
C ASP B 318 -23.28 0.38 -21.16
N TYR B 319 -22.12 0.79 -21.70
CA TYR B 319 -21.86 2.17 -22.11
C TYR B 319 -22.09 2.46 -23.59
N ASP B 320 -22.60 1.48 -24.29
CA ASP B 320 -22.89 1.61 -25.71
C ASP B 320 -24.30 2.22 -25.82
N GLN B 321 -24.42 3.47 -25.38
CA GLN B 321 -25.68 4.19 -25.41
C GLN B 321 -25.47 5.65 -25.03
N SER B 322 -26.54 6.42 -24.99
CA SER B 322 -26.45 7.83 -24.67
C SER B 322 -26.12 8.01 -23.20
N PRO B 323 -25.58 9.19 -22.83
CA PRO B 323 -25.24 9.47 -21.45
C PRO B 323 -26.44 9.29 -20.52
N ALA B 324 -27.61 9.77 -20.95
CA ALA B 324 -28.83 9.63 -20.15
C ALA B 324 -29.21 8.14 -20.04
N GLY B 325 -29.00 7.38 -21.11
CA GLY B 325 -29.27 5.94 -21.07
C GLY B 325 -28.39 5.32 -20.01
N CYS B 326 -27.10 5.65 -20.01
CA CYS B 326 -26.15 5.11 -19.02
C CYS B 326 -26.58 5.45 -17.58
N ARG B 327 -26.98 6.69 -17.36
CA ARG B 327 -27.45 7.17 -16.06
C ARG B 327 -28.62 6.32 -15.55
N ASP B 328 -29.61 6.11 -16.41
CA ASP B 328 -30.79 5.36 -16.06
C ASP B 328 -30.49 3.89 -15.84
N ALA B 329 -29.58 3.35 -16.64
CA ALA B 329 -29.16 1.94 -16.53
C ALA B 329 -28.43 1.72 -15.22
N LEU B 330 -27.62 2.70 -14.83
CA LEU B 330 -26.88 2.65 -13.58
C LEU B 330 -27.87 2.81 -12.44
N LEU B 331 -28.86 3.68 -12.61
CA LEU B 331 -29.89 3.91 -11.59
C LEU B 331 -30.61 2.62 -11.23
N GLN B 332 -30.95 1.76 -12.20
CA GLN B 332 -31.66 0.51 -11.85
C GLN B 332 -30.73 -0.53 -11.23
N LEU B 333 -29.46 -0.53 -11.63
CA LEU B 333 -28.50 -1.46 -11.07
C LEU B 333 -28.36 -1.11 -9.60
N THR B 334 -28.48 0.18 -9.31
CA THR B 334 -28.36 0.73 -7.95
C THR B 334 -29.39 0.22 -6.93
N SER B 335 -30.49 -0.39 -7.40
CA SER B 335 -31.52 -0.93 -6.49
C SER B 335 -31.13 -2.22 -5.79
N GLY B 336 -30.48 -3.12 -6.52
CA GLY B 336 -30.04 -4.39 -5.94
C GLY B 336 -28.64 -4.35 -5.34
N MET B 337 -28.28 -3.19 -4.77
CA MET B 337 -26.95 -3.01 -4.17
C MET B 337 -26.99 -3.00 -2.65
N VAL B 338 -25.95 -3.60 -2.06
CA VAL B 338 -25.78 -3.74 -0.62
C VAL B 338 -25.42 -2.45 0.10
N GLN B 339 -26.18 -2.16 1.15
CA GLN B 339 -25.98 -0.98 1.99
C GLN B 339 -25.33 -1.43 3.29
N THR B 340 -24.81 -0.49 4.05
CA THR B 340 -24.21 -0.82 5.32
C THR B 340 -24.67 0.25 6.28
N HIS B 341 -24.54 -0.04 7.56
CA HIS B 341 -24.88 0.92 8.60
C HIS B 341 -23.60 1.70 8.81
N VAL B 342 -23.68 2.88 9.43
CA VAL B 342 -22.48 3.63 9.75
C VAL B 342 -22.19 3.34 11.20
N THR B 343 -20.91 3.38 11.55
CA THR B 343 -20.43 3.09 12.88
C THR B 343 -20.88 4.07 13.95
N THR B 344 -21.15 5.30 13.58
CA THR B 344 -21.59 6.29 14.54
C THR B 344 -22.68 7.15 13.91
N PRO B 345 -23.41 7.92 14.71
CA PRO B 345 -24.49 8.79 14.21
C PRO B 345 -23.99 9.98 13.35
N GLY B 346 -22.85 10.55 13.76
CA GLY B 346 -22.22 11.67 13.07
C GLY B 346 -21.31 11.26 11.93
N SER B 347 -21.39 9.99 11.53
CA SER B 347 -20.59 9.47 10.42
C SER B 347 -21.06 10.09 9.11
N ILE B 348 -22.37 10.15 8.91
CA ILE B 348 -22.93 10.71 7.69
C ILE B 348 -22.43 12.13 7.40
N PRO B 349 -22.54 13.06 8.36
CA PRO B 349 -22.05 14.43 8.12
C PRO B 349 -20.55 14.45 7.86
N THR B 350 -19.79 13.75 8.69
CA THR B 350 -18.34 13.65 8.55
C THR B 350 -18.00 13.14 7.16
N ILE B 351 -18.68 12.07 6.74
CA ILE B 351 -18.44 11.49 5.43
C ILE B 351 -18.84 12.48 4.33
N CYS B 352 -19.94 13.20 4.51
CA CYS B 352 -20.39 14.19 3.52
C CYS B 352 -19.30 15.22 3.26
N ASP B 353 -18.70 15.70 4.35
CA ASP B 353 -17.64 16.69 4.29
C ASP B 353 -16.35 16.20 3.66
N LEU B 354 -15.99 14.94 3.89
CA LEU B 354 -14.78 14.35 3.31
C LEU B 354 -14.91 14.34 1.81
N ALA B 355 -16.06 13.88 1.33
CA ALA B 355 -16.31 13.82 -0.11
C ALA B 355 -16.30 15.22 -0.72
N ARG B 356 -16.97 16.15 -0.09
CA ARG B 356 -17.02 17.50 -0.62
C ARG B 356 -15.66 18.22 -0.58
N THR B 357 -14.87 17.96 0.46
CA THR B 357 -13.54 18.56 0.59
C THR B 357 -12.56 17.96 -0.45
N PHE B 358 -12.63 16.64 -0.61
CA PHE B 358 -11.84 15.92 -1.58
C PHE B 358 -12.19 16.48 -2.97
N ALA B 359 -13.49 16.54 -3.25
CA ALA B 359 -14.01 17.03 -4.53
C ALA B 359 -13.50 18.45 -4.84
N ARG B 360 -13.65 19.33 -3.87
CA ARG B 360 -13.23 20.74 -3.96
C ARG B 360 -11.71 20.85 -4.19
N GLU B 361 -10.95 20.11 -3.40
CA GLU B 361 -9.50 20.16 -3.52
C GLU B 361 -8.90 19.41 -4.70
N MET B 362 -9.45 18.24 -5.01
CA MET B 362 -8.87 17.45 -6.08
C MET B 362 -9.61 17.24 -7.37
N GLY B 363 -10.90 17.60 -7.40
CA GLY B 363 -11.68 17.46 -8.62
C GLY B 363 -11.20 18.45 -9.66
N GLU B 364 -11.08 18.00 -10.91
CA GLU B 364 -10.57 18.82 -12.03
C GLU B 364 -10.69 18.03 -13.37
N ALA B 365 -11.44 17.03 -13.41
S SO4 C . 21.38 -5.22 12.37
O1 SO4 C . 20.79 -4.19 13.11
O2 SO4 C . 20.52 -6.31 12.57
O3 SO4 C . 21.54 -4.79 11.06
O4 SO4 C . 22.62 -5.52 12.96
C3' BPG D . 18.02 -3.37 6.55
O3' BPG D . 18.60 -4.15 7.57
C2' BPG D . 19.16 -3.33 5.55
C12 BPG D . 18.86 -2.25 4.51
C1' BPG D . 18.84 -0.83 5.12
N9 BPG D . 18.48 0.24 4.17
C4 BPG D . 17.21 0.51 3.57
N3 BPG D . 16.09 -0.15 3.78
C2 BPG D . 15.03 0.39 3.16
N2 BPG D . 13.82 -0.21 3.34
N1 BPG D . 15.08 1.45 2.29
C6 BPG D . 16.25 2.15 2.03
O6 BPG D . 16.23 3.10 1.26
C5 BPG D . 17.38 1.60 2.75
N7 BPG D . 18.71 2.00 2.79
C8 BPG D . 19.28 1.19 3.63
C04 BPG D . 12.86 -3.50 5.76
C05 BPG D . 13.99 -2.72 6.07
C06 BPG D . 14.32 -1.63 5.26
C01 BPG D . 13.52 -1.31 4.18
C02 BPG D . 12.38 -2.09 3.87
C03 BPG D . 12.04 -3.16 4.66
S SO4 E . -14.01 8.19 -18.76
O1 SO4 E . -14.55 6.88 -18.90
O2 SO4 E . -14.56 8.70 -17.57
O3 SO4 E . -12.64 7.92 -18.72
O4 SO4 E . -14.28 8.96 -19.87
C3' BPG F . -7.15 8.11 -15.69
O3' BPG F . -8.13 9.08 -15.70
C2' BPG F . -6.55 8.55 -16.99
C12 BPG F . -5.23 7.90 -17.05
C1' BPG F . -5.49 6.46 -17.30
N9 BPG F . -4.15 5.82 -17.27
C4 BPG F . -3.47 5.32 -16.14
N3 BPG F . -3.92 5.34 -14.89
C2 BPG F . -3.10 4.75 -14.01
N2 BPG F . -3.51 4.68 -12.68
N1 BPG F . -1.89 4.20 -14.40
C6 BPG F . -1.40 4.17 -15.70
O6 BPG F . -0.31 3.67 -15.99
C5 BPG F . -2.29 4.80 -16.59
N7 BPG F . -2.20 4.97 -17.97
C8 BPG F . -3.31 5.56 -18.29
C04 BPG F . -7.13 5.84 -10.90
C05 BPG F . -7.06 5.75 -12.28
C06 BPG F . -5.88 5.34 -12.90
C01 BPG F . -4.75 5.05 -12.12
C02 BPG F . -4.83 5.13 -10.75
C03 BPG F . -6.00 5.54 -10.14
#